data_1NM6
#
_entry.id   1NM6
#
_cell.length_a   69.7
_cell.length_b   71.4
_cell.length_c   72.3
_cell.angle_alpha   90.0
_cell.angle_beta   100.5
_cell.angle_gamma   90.0
#
_symmetry.space_group_name_H-M   'C 1 2 1'
#
loop_
_entity.id
_entity.type
_entity.pdbx_description
1 polymer thrombin
2 polymer Hirudin
3 non-polymer '(11S)-11-BENZYL-6-CHLORO-1,2,10,11,12,13,14,15,16,17,18,19-DODECAHYDRO-5,9-METHANO-2,5,8,10,13,17-BENZOHEXAAZACYCLOHENI COSINE-3,24-DIONE'
4 water water
#
loop_
_entity_poly.entity_id
_entity_poly.type
_entity_poly.pdbx_seq_one_letter_code
_entity_poly.pdbx_strand_id
1 'polypeptide(L)'
;DCGLRPLFEKKSLEDKTERELLESYIDGRIVEGSDAEIGMSPWQVMLFRKSPQELLCGASLISDRWVLTAAHCLLYPPWD
KNFTENDLLVRIGKHSRTRYERNIEKISMLEKIYIHPRYNWRENLDRDIALMKLKKPVAFSDYIHPVCLPDRETAASLLQ
AGYKGRVTGWGNLKETWTANVGKGQPSVLQVVNLPIVERPVCKDSTRIRITDNMFCAGYKPDEGKRGDACEGDSGGPFVM
KSPFNNRWYQMGIVSWGEGCDRDGKYGFYTHVFRLKKWIQKVIDQFG
;
A
2 'polypeptide(L)' DFEEIPEE(TYS)LA B
#
loop_
_chem_comp.id
_chem_comp.type
_chem_comp.name
_chem_comp.formula
L86 non-polymer '(11S)-11-BENZYL-6-CHLORO-1,2,10,11,12,13,14,15,16,17,18,19-DODECAHYDRO-5,9-METHANO-2,5,8,10,13,17-BENZOHEXAAZACYCLOHENI COSINE-3,24-DIONE' 'C27 H33 Cl N6 O2'
#
# COMPACT_ATOMS: atom_id res chain seq x y z
N ASP A 1 -4.45 -18.21 5.79
CA ASP A 1 -3.74 -17.60 6.94
C ASP A 1 -3.44 -16.11 6.72
N CYS A 2 -3.93 -15.57 5.60
CA CYS A 2 -3.70 -14.17 5.26
C CYS A 2 -4.23 -13.24 6.35
N GLY A 3 -3.63 -12.05 6.45
CA GLY A 3 -4.07 -11.06 7.40
C GLY A 3 -3.85 -11.30 8.88
N LEU A 4 -3.16 -12.37 9.25
CA LEU A 4 -2.86 -12.66 10.65
C LEU A 4 -1.36 -12.49 10.81
N ARG A 5 -0.97 -11.47 11.56
CA ARG A 5 0.46 -11.17 11.74
C ARG A 5 1.12 -12.04 12.78
N PRO A 6 2.27 -12.63 12.43
CA PRO A 6 3.04 -13.49 13.33
C PRO A 6 3.31 -12.84 14.69
N LEU A 7 3.71 -11.58 14.68
CA LEU A 7 4.05 -10.88 15.92
C LEU A 7 2.88 -10.22 16.66
N PHE A 8 1.67 -10.32 16.11
CA PHE A 8 0.52 -9.74 16.78
C PHE A 8 -0.63 -10.74 16.88
N GLU A 9 -1.50 -10.83 15.87
CA GLU A 9 -2.62 -11.77 15.93
C GLU A 9 -2.23 -13.21 16.28
N LYS A 10 -1.13 -13.69 15.72
CA LYS A 10 -0.67 -15.06 15.97
C LYS A 10 -0.36 -15.36 17.43
N LYS A 11 0.11 -14.36 18.16
CA LYS A 11 0.42 -14.54 19.57
C LYS A 11 -0.51 -13.72 20.47
N SER A 12 -1.64 -13.31 19.91
CA SER A 12 -2.64 -12.52 20.61
C SER A 12 -2.09 -11.27 21.30
N LEU A 13 -1.31 -10.50 20.55
CA LEU A 13 -0.77 -9.24 21.03
C LEU A 13 -1.35 -8.19 20.10
N GLU A 14 -1.72 -7.04 20.64
CA GLU A 14 -2.29 -5.97 19.84
C GLU A 14 -1.25 -4.89 19.66
N ASP A 15 -1.29 -4.21 18.51
CA ASP A 15 -0.35 -3.13 18.29
C ASP A 15 -0.94 -1.87 18.94
N LYS A 16 -0.11 -0.84 19.06
CA LYS A 16 -0.47 0.43 19.71
C LYS A 16 -1.70 1.21 19.24
N THR A 17 -2.08 1.07 17.97
CA THR A 17 -3.21 1.84 17.46
C THR A 17 -4.36 1.09 16.79
N GLU A 18 -4.32 -0.24 16.76
CA GLU A 18 -5.41 -0.96 16.11
C GLU A 18 -6.76 -0.74 16.80
N ARG A 19 -6.72 -0.42 18.10
CA ARG A 19 -7.93 -0.16 18.85
C ARG A 19 -8.68 1.05 18.25
N GLU A 20 -7.93 2.03 17.76
CA GLU A 20 -8.51 3.21 17.13
C GLU A 20 -9.36 2.80 15.94
N LEU A 21 -8.89 1.83 15.18
CA LEU A 21 -9.63 1.35 14.02
C LEU A 21 -10.91 0.67 14.49
N LEU A 22 -10.79 -0.24 15.45
CA LEU A 22 -11.96 -0.94 15.97
C LEU A 22 -13.02 0.03 16.48
N GLU A 23 -12.61 1.04 17.23
CA GLU A 23 -13.57 2.01 17.77
C GLU A 23 -14.29 2.81 16.69
N SER A 24 -13.70 2.91 15.50
CA SER A 24 -14.31 3.65 14.40
C SER A 24 -15.35 2.82 13.63
N TYR A 25 -15.36 1.51 13.86
CA TYR A 25 -16.31 0.64 13.18
C TYR A 25 -17.57 0.56 14.03
N ILE A 26 -18.31 1.66 14.08
CA ILE A 26 -19.52 1.76 14.89
C ILE A 26 -20.80 1.41 14.14
N ILE A 30 4.79 9.35 4.31
CA ILE A 30 3.60 9.56 5.18
C ILE A 30 3.79 10.82 6.00
N VAL A 31 2.81 11.71 5.95
CA VAL A 31 2.86 12.96 6.70
C VAL A 31 2.07 12.83 8.00
N GLU A 32 2.65 13.33 9.09
CA GLU A 32 2.01 13.29 10.39
C GLU A 32 1.66 11.87 10.87
N GLY A 33 2.55 10.93 10.59
CA GLY A 33 2.33 9.56 11.02
C GLY A 33 3.27 9.27 12.17
N SER A 34 3.56 7.99 12.39
CA SER A 34 4.46 7.58 13.46
C SER A 34 5.26 6.38 13.00
N ASP A 35 6.32 6.05 13.73
CA ASP A 35 7.13 4.89 13.38
C ASP A 35 6.30 3.64 13.58
N ALA A 36 6.38 2.72 12.63
CA ALA A 36 5.65 1.47 12.73
C ALA A 36 6.36 0.59 13.75
N GLU A 37 5.62 -0.34 14.35
CA GLU A 37 6.19 -1.28 15.30
C GLU A 37 6.78 -2.41 14.47
N ILE A 38 7.70 -3.16 15.05
CA ILE A 38 8.32 -4.29 14.34
C ILE A 38 7.25 -5.33 14.01
N GLY A 39 7.20 -5.76 12.75
CA GLY A 39 6.22 -6.75 12.35
C GLY A 39 4.79 -6.24 12.26
N MET A 40 4.62 -4.92 12.33
CA MET A 40 3.28 -4.33 12.28
C MET A 40 2.60 -4.44 10.92
N SER A 41 3.38 -4.41 9.85
CA SER A 41 2.85 -4.50 8.49
C SER A 41 3.73 -5.49 7.72
N PRO A 42 3.61 -6.79 8.03
CA PRO A 42 4.40 -7.85 7.38
C PRO A 42 4.19 -8.03 5.88
N TRP A 43 3.12 -7.43 5.36
CA TRP A 43 2.81 -7.49 3.93
C TRP A 43 3.39 -6.29 3.18
N GLN A 44 4.04 -5.38 3.92
CA GLN A 44 4.62 -4.19 3.31
C GLN A 44 5.72 -4.59 2.35
N VAL A 45 5.68 -4.02 1.15
CA VAL A 45 6.70 -4.32 0.16
C VAL A 45 7.30 -3.01 -0.34
N MET A 46 8.60 -3.01 -0.54
CA MET A 46 9.28 -1.83 -1.07
C MET A 46 9.68 -2.12 -2.51
N LEU A 47 9.26 -1.26 -3.43
CA LEU A 47 9.64 -1.39 -4.83
C LEU A 47 10.93 -0.59 -4.90
N PHE A 48 12.01 -1.27 -5.27
CA PHE A 48 13.34 -0.67 -5.31
C PHE A 48 13.92 -0.61 -6.72
N ARG A 49 14.34 0.58 -7.13
CA ARG A 49 14.94 0.77 -8.45
C ARG A 49 16.39 0.30 -8.34
N LYS A 50 16.86 -0.44 -9.34
CA LYS A 50 18.23 -0.96 -9.32
C LYS A 50 19.29 0.10 -9.58
N SER A 51 19.15 0.86 -10.66
CA SER A 51 20.11 1.90 -10.98
C SER A 51 19.45 3.17 -11.50
N PRO A 52 19.54 4.26 -10.75
CA PRO A 52 20.26 4.30 -9.46
C PRO A 52 19.42 3.67 -8.35
N GLN A 53 20.08 3.12 -7.34
CA GLN A 53 19.38 2.49 -6.22
C GLN A 53 18.58 3.54 -5.47
N GLU A 54 17.26 3.43 -5.51
CA GLU A 54 16.40 4.37 -4.82
C GLU A 54 15.01 3.80 -4.59
N LEU A 55 14.26 4.46 -3.72
CA LEU A 55 12.89 4.04 -3.40
C LEU A 55 12.03 4.39 -4.60
N LEU A 56 11.28 3.42 -5.09
CA LEU A 56 10.41 3.63 -6.22
C LEU A 56 8.96 3.82 -5.76
N CYS A 57 8.46 2.85 -5.02
CA CYS A 57 7.09 2.89 -4.55
C CYS A 57 6.89 1.90 -3.41
N GLY A 58 5.67 1.86 -2.89
CA GLY A 58 5.32 0.92 -1.86
C GLY A 58 4.55 -0.15 -2.62
N ALA A 59 4.17 -1.22 -1.92
CA ALA A 59 3.44 -2.32 -2.53
C ALA A 59 3.04 -3.25 -1.40
N SER A 60 2.36 -4.34 -1.74
CA SER A 60 1.92 -5.28 -0.71
C SER A 60 2.02 -6.73 -1.17
N LEU A 61 2.22 -7.61 -0.21
CA LEU A 61 2.34 -9.04 -0.48
C LEU A 61 0.99 -9.71 -0.31
N ILE A 62 0.47 -10.31 -1.38
CA ILE A 62 -0.82 -10.98 -1.29
C ILE A 62 -0.76 -12.52 -1.36
N SER A 63 0.43 -13.07 -1.61
CA SER A 63 0.65 -14.52 -1.65
C SER A 63 2.16 -14.70 -1.68
N ASP A 64 2.65 -15.93 -1.73
CA ASP A 64 4.09 -16.12 -1.74
C ASP A 64 4.77 -15.74 -3.05
N ARG A 65 3.98 -15.47 -4.09
CA ARG A 65 4.54 -15.09 -5.38
C ARG A 65 3.90 -13.87 -6.03
N TRP A 66 2.89 -13.27 -5.41
CA TRP A 66 2.26 -12.11 -6.01
C TRP A 66 2.32 -10.86 -5.14
N VAL A 67 2.63 -9.74 -5.78
CA VAL A 67 2.75 -8.45 -5.11
C VAL A 67 1.83 -7.46 -5.82
N LEU A 68 1.05 -6.72 -5.03
CA LEU A 68 0.10 -5.74 -5.54
C LEU A 68 0.65 -4.31 -5.38
N THR A 69 0.40 -3.45 -6.36
CA THR A 69 0.87 -2.08 -6.28
C THR A 69 0.01 -1.16 -7.15
N ALA A 70 0.41 0.09 -7.27
CA ALA A 70 -0.33 1.04 -8.09
C ALA A 70 0.25 1.02 -9.50
N ALA A 71 -0.61 1.02 -10.50
CA ALA A 71 -0.13 1.02 -11.87
C ALA A 71 0.80 2.20 -12.16
N HIS A 72 0.51 3.39 -11.62
CA HIS A 72 1.35 4.55 -11.89
C HIS A 72 2.78 4.44 -11.38
N CYS A 73 3.02 3.47 -10.50
CA CYS A 73 4.35 3.22 -9.98
C CYS A 73 5.24 2.62 -11.06
N LEU A 74 4.61 1.93 -12.02
CA LEU A 74 5.33 1.27 -13.11
C LEU A 74 5.13 1.99 -14.44
N LEU A 75 3.96 2.56 -14.65
CA LEU A 75 3.66 3.24 -15.89
C LEU A 75 2.98 4.59 -15.74
N TYR A 76 3.68 5.65 -16.14
CA TYR A 76 3.12 6.98 -16.10
C TYR A 76 3.83 7.91 -17.09
N PRO A 77 3.45 7.85 -18.37
CA PRO A 77 4.02 8.65 -19.46
C PRO A 77 4.27 10.14 -19.16
N PRO A 78 3.32 10.83 -18.48
CA PRO A 78 3.58 12.25 -18.21
C PRO A 78 4.91 12.54 -17.52
N TRP A 79 5.40 11.60 -16.72
CA TRP A 79 6.68 11.77 -16.02
C TRP A 79 7.73 10.81 -16.56
N ASP A 80 7.53 10.36 -17.80
CA ASP A 80 8.43 9.42 -18.47
C ASP A 80 8.77 8.19 -17.65
N LYS A 81 7.75 7.58 -17.04
CA LYS A 81 7.95 6.38 -16.25
C LYS A 81 7.36 5.19 -17.01
N ASN A 82 8.20 4.20 -17.27
CA ASN A 82 7.77 3.00 -17.98
C ASN A 82 8.77 1.90 -17.63
N PHE A 83 8.73 1.46 -16.38
CA PHE A 83 9.63 0.43 -15.88
C PHE A 83 9.24 -0.95 -16.39
N THR A 84 10.23 -1.81 -16.57
CA THR A 84 9.99 -3.18 -16.98
C THR A 84 10.53 -4.08 -15.88
N GLU A 85 10.26 -5.37 -15.97
CA GLU A 85 10.70 -6.33 -14.94
C GLU A 85 12.11 -6.15 -14.41
N ASN A 86 13.10 -6.13 -15.30
CA ASN A 86 14.50 -6.02 -14.89
C ASN A 86 14.98 -4.69 -14.33
N ASP A 87 14.14 -3.66 -14.32
CA ASP A 87 14.54 -2.37 -13.78
C ASP A 87 14.35 -2.32 -12.26
N LEU A 88 13.55 -3.25 -11.73
CA LEU A 88 13.23 -3.24 -10.32
C LEU A 88 13.46 -4.53 -9.54
N LEU A 89 13.41 -4.39 -8.22
CA LEU A 89 13.55 -5.47 -7.27
C LEU A 89 12.51 -5.22 -6.19
N VAL A 90 12.04 -6.27 -5.53
CA VAL A 90 11.08 -6.09 -4.46
C VAL A 90 11.74 -6.51 -3.15
N ARG A 91 11.68 -5.64 -2.15
CA ARG A 91 12.28 -5.91 -0.85
C ARG A 91 11.14 -6.09 0.15
N ILE A 92 11.04 -7.30 0.69
CA ILE A 92 9.98 -7.69 1.61
C ILE A 92 10.50 -7.89 3.03
N GLY A 93 9.67 -7.57 4.02
CA GLY A 93 10.04 -7.74 5.42
C GLY A 93 10.87 -6.62 5.99
N LYS A 94 10.87 -5.45 5.33
CA LYS A 94 11.65 -4.32 5.80
C LYS A 94 11.01 -3.44 6.85
N HIS A 95 11.86 -2.71 7.56
CA HIS A 95 11.47 -1.76 8.58
C HIS A 95 12.25 -0.48 8.27
N SER A 96 13.58 -0.58 8.31
CA SER A 96 14.41 0.57 7.99
C SER A 96 14.26 0.88 6.50
N ARG A 97 14.24 2.17 6.17
CA ARG A 97 14.10 2.59 4.77
C ARG A 97 15.34 2.36 3.92
N THR A 98 16.48 2.88 4.38
CA THR A 98 17.72 2.81 3.63
C THR A 98 18.70 1.67 3.87
N ARG A 99 18.66 1.04 5.04
CA ARG A 99 19.62 0.00 5.30
C ARG A 99 19.26 -1.39 4.82
N TYR A 100 20.28 -2.21 4.58
CA TYR A 100 20.08 -3.58 4.15
C TYR A 100 19.89 -4.39 5.42
N GLU A 101 18.66 -4.80 5.69
CA GLU A 101 18.35 -5.53 6.90
C GLU A 101 18.65 -7.02 6.78
N ARG A 102 19.94 -7.32 6.90
CA ARG A 102 20.48 -8.66 6.82
C ARG A 102 19.76 -9.63 7.75
N ASN A 103 19.40 -10.80 7.24
CA ASN A 103 18.72 -11.84 8.01
C ASN A 103 17.25 -11.54 8.29
N ILE A 104 16.73 -10.44 7.76
CA ILE A 104 15.34 -10.08 8.00
C ILE A 104 14.58 -9.87 6.69
N GLU A 105 15.04 -8.91 5.89
CA GLU A 105 14.37 -8.65 4.62
C GLU A 105 14.81 -9.67 3.57
N LYS A 106 13.96 -9.86 2.56
CA LYS A 106 14.26 -10.77 1.47
C LYS A 106 14.05 -9.98 0.18
N ILE A 107 14.98 -10.12 -0.75
CA ILE A 107 14.91 -9.42 -2.01
C ILE A 107 14.55 -10.39 -3.13
N SER A 108 13.52 -10.06 -3.90
CA SER A 108 13.06 -10.90 -4.99
C SER A 108 13.11 -10.17 -6.33
N MET A 109 13.36 -10.92 -7.39
CA MET A 109 13.40 -10.36 -8.73
C MET A 109 12.02 -10.56 -9.34
N LEU A 110 11.65 -9.69 -10.28
CA LEU A 110 10.33 -9.79 -10.91
C LEU A 110 10.32 -10.64 -12.16
N GLU A 111 9.33 -11.52 -12.26
CA GLU A 111 9.18 -12.36 -13.42
C GLU A 111 8.33 -11.64 -14.46
N LYS A 112 7.19 -11.10 -14.04
CA LYS A 112 6.31 -10.38 -14.96
C LYS A 112 5.47 -9.34 -14.24
N ILE A 113 5.19 -8.25 -14.95
CA ILE A 113 4.37 -7.16 -14.44
C ILE A 113 3.07 -7.19 -15.25
N TYR A 114 1.94 -6.96 -14.58
CA TYR A 114 0.65 -6.95 -15.25
C TYR A 114 -0.09 -5.68 -14.82
N ILE A 115 -0.31 -4.78 -15.76
CA ILE A 115 -1.01 -3.53 -15.47
C ILE A 115 -2.45 -3.63 -15.96
N HIS A 116 -3.39 -3.13 -15.18
CA HIS A 116 -4.79 -3.20 -15.59
C HIS A 116 -4.90 -2.60 -16.99
N PRO A 117 -5.55 -3.33 -17.92
CA PRO A 117 -5.71 -2.86 -19.30
C PRO A 117 -6.45 -1.53 -19.47
N ARG A 118 -7.31 -1.21 -18.52
CA ARG A 118 -8.07 0.04 -18.57
C ARG A 118 -7.55 1.08 -17.58
N TYR A 119 -6.30 0.93 -17.15
CA TYR A 119 -5.67 1.88 -16.26
C TYR A 119 -5.62 3.20 -17.04
N ASN A 120 -6.21 4.25 -16.48
CA ASN A 120 -6.28 5.56 -17.13
C ASN A 120 -5.19 6.52 -16.69
N TRP A 121 -4.01 6.42 -17.29
CA TRP A 121 -2.91 7.32 -16.93
C TRP A 121 -3.05 8.69 -17.59
N ARG A 122 -3.86 8.76 -18.64
CA ARG A 122 -4.04 10.02 -19.36
C ARG A 122 -4.83 11.07 -18.59
N GLU A 123 -5.82 10.63 -17.82
CA GLU A 123 -6.67 11.57 -17.10
C GLU A 123 -6.61 11.65 -15.57
N ASN A 124 -7.19 10.66 -14.90
CA ASN A 124 -7.29 10.68 -13.44
C ASN A 124 -6.80 9.45 -12.69
N LEU A 125 -5.95 8.64 -13.31
CA LEU A 125 -5.44 7.42 -12.69
C LEU A 125 -6.54 6.43 -12.31
N ASP A 126 -7.63 6.41 -13.09
CA ASP A 126 -8.71 5.47 -12.82
C ASP A 126 -8.16 4.06 -13.00
N ARG A 127 -8.52 3.17 -12.07
CA ARG A 127 -8.05 1.78 -12.09
C ARG A 127 -6.53 1.73 -11.95
N ASP A 128 -6.02 2.42 -10.93
CA ASP A 128 -4.59 2.51 -10.64
C ASP A 128 -4.16 1.25 -9.89
N ILE A 129 -3.96 0.16 -10.64
CA ILE A 129 -3.60 -1.10 -10.03
C ILE A 129 -2.72 -1.94 -10.95
N ALA A 130 -1.79 -2.68 -10.34
CA ALA A 130 -0.89 -3.55 -11.09
C ALA A 130 -0.44 -4.72 -10.23
N LEU A 131 -0.15 -5.85 -10.87
CA LEU A 131 0.32 -7.04 -10.17
C LEU A 131 1.71 -7.38 -10.66
N MET A 132 2.52 -7.94 -9.78
CA MET A 132 3.88 -8.33 -10.13
C MET A 132 4.10 -9.75 -9.61
N LYS A 133 4.47 -10.66 -10.51
CA LYS A 133 4.73 -12.02 -10.09
C LYS A 133 6.22 -12.15 -9.82
N LEU A 134 6.56 -12.79 -8.70
CA LEU A 134 7.96 -12.96 -8.34
C LEU A 134 8.53 -14.19 -9.04
N LYS A 135 9.83 -14.20 -9.28
CA LYS A 135 10.45 -15.35 -9.93
C LYS A 135 10.38 -16.59 -9.06
N LYS A 136 10.57 -16.43 -7.76
CA LYS A 136 10.51 -17.54 -6.82
C LYS A 136 9.69 -17.15 -5.60
N PRO A 137 9.01 -18.11 -4.97
CA PRO A 137 8.19 -17.81 -3.79
C PRO A 137 9.08 -17.28 -2.68
N VAL A 138 8.54 -16.35 -1.89
CA VAL A 138 9.28 -15.79 -0.77
C VAL A 138 8.85 -16.57 0.46
N ALA A 139 9.80 -16.86 1.34
CA ALA A 139 9.50 -17.60 2.55
C ALA A 139 8.88 -16.68 3.58
N PHE A 140 7.75 -17.09 4.13
CA PHE A 140 7.10 -16.27 5.15
C PHE A 140 7.92 -16.36 6.42
N SER A 141 7.79 -15.35 7.27
CA SER A 141 8.52 -15.29 8.53
C SER A 141 7.76 -14.37 9.47
N ASP A 142 8.39 -14.02 10.58
CA ASP A 142 7.77 -13.11 11.54
C ASP A 142 7.56 -11.72 10.95
N TYR A 143 8.36 -11.38 9.93
CA TYR A 143 8.32 -10.06 9.31
C TYR A 143 7.75 -10.05 7.89
N ILE A 144 7.45 -11.24 7.37
CA ILE A 144 6.93 -11.38 6.01
C ILE A 144 5.67 -12.24 6.03
N HIS A 145 4.54 -11.64 5.71
CA HIS A 145 3.28 -12.36 5.73
C HIS A 145 2.27 -11.64 4.84
N PRO A 146 1.48 -12.40 4.08
CA PRO A 146 0.48 -11.80 3.18
C PRO A 146 -0.75 -11.20 3.84
N VAL A 147 -1.28 -10.17 3.21
CA VAL A 147 -2.49 -9.52 3.70
C VAL A 147 -3.64 -10.15 2.91
N CYS A 148 -4.87 -10.06 3.43
CA CYS A 148 -6.02 -10.62 2.74
C CYS A 148 -6.64 -9.62 1.79
N LEU A 149 -7.31 -10.14 0.76
CA LEU A 149 -8.03 -9.30 -0.19
C LEU A 149 -9.49 -9.46 0.21
N PRO A 150 -10.26 -8.36 0.19
CA PRO A 150 -11.67 -8.34 0.55
C PRO A 150 -12.65 -8.97 -0.44
N ASP A 151 -13.69 -9.60 0.09
CA ASP A 151 -14.72 -10.16 -0.76
C ASP A 151 -15.83 -9.11 -0.67
N ARG A 152 -16.92 -9.32 -1.40
CA ARG A 152 -18.00 -8.34 -1.40
C ARG A 152 -18.54 -7.95 -0.02
N GLU A 153 -18.74 -8.94 0.84
CA GLU A 153 -19.26 -8.70 2.19
C GLU A 153 -18.36 -7.80 3.02
N THR A 154 -17.08 -8.12 3.04
CA THR A 154 -16.11 -7.34 3.81
C THR A 154 -16.06 -5.90 3.33
N ALA A 155 -16.06 -5.70 2.01
CA ALA A 155 -16.03 -4.36 1.44
C ALA A 155 -17.28 -3.58 1.83
N ALA A 156 -18.45 -4.19 1.67
CA ALA A 156 -19.70 -3.53 2.00
C ALA A 156 -19.75 -3.10 3.47
N SER A 157 -19.33 -3.98 4.37
CA SER A 157 -19.35 -3.67 5.79
C SER A 157 -18.28 -2.71 6.32
N LEU A 158 -17.10 -2.70 5.72
CA LEU A 158 -16.03 -1.83 6.22
C LEU A 158 -15.77 -0.54 5.46
N LEU A 159 -16.08 -0.52 4.16
CA LEU A 159 -15.84 0.68 3.36
C LEU A 159 -16.96 1.70 3.57
N GLN A 160 -17.01 2.26 4.79
CA GLN A 160 -18.03 3.23 5.15
C GLN A 160 -17.39 4.51 5.67
N ALA A 161 -18.01 5.64 5.36
CA ALA A 161 -17.49 6.93 5.82
C ALA A 161 -17.35 6.90 7.34
N GLY A 162 -16.21 7.37 7.84
CA GLY A 162 -15.97 7.37 9.28
C GLY A 162 -15.10 6.21 9.75
N TYR A 163 -15.24 5.07 9.08
CA TYR A 163 -14.45 3.89 9.42
C TYR A 163 -13.00 4.17 9.04
N LYS A 164 -12.09 3.84 9.96
CA LYS A 164 -10.68 4.09 9.74
C LYS A 164 -9.90 2.92 9.15
N GLY A 165 -8.92 3.27 8.33
CA GLY A 165 -8.04 2.30 7.73
C GLY A 165 -6.63 2.72 8.11
N ARG A 166 -5.63 1.97 7.68
CA ARG A 166 -4.25 2.26 8.00
C ARG A 166 -3.40 2.28 6.74
N VAL A 167 -2.59 3.32 6.60
CA VAL A 167 -1.71 3.47 5.45
C VAL A 167 -0.27 3.44 5.95
N THR A 168 0.59 2.77 5.21
CA THR A 168 2.00 2.64 5.59
C THR A 168 2.90 2.90 4.39
N GLY A 169 4.10 3.41 4.65
CA GLY A 169 5.02 3.69 3.56
C GLY A 169 6.30 4.37 4.01
N TRP A 170 7.28 4.41 3.11
CA TRP A 170 8.57 5.05 3.39
C TRP A 170 8.68 6.37 2.62
N GLY A 171 7.54 6.90 2.20
CA GLY A 171 7.51 8.15 1.44
C GLY A 171 7.88 9.37 2.26
N ASN A 172 7.91 10.52 1.59
CA ASN A 172 8.26 11.77 2.25
C ASN A 172 7.40 12.09 3.47
N LEU A 173 8.05 12.69 4.46
CA LEU A 173 7.38 13.08 5.70
C LEU A 173 6.66 14.41 5.56
N LYS A 174 6.97 15.15 4.49
CA LYS A 174 6.33 16.44 4.23
C LYS A 174 6.19 16.68 2.74
N GLU A 175 5.22 17.50 2.36
CA GLU A 175 4.97 17.82 0.97
C GLU A 175 6.17 18.55 0.35
N GLY A 184 12.50 15.36 6.17
CA GLY A 184 12.53 14.96 4.73
C GLY A 184 12.13 13.51 4.53
N GLN A 185 13.08 12.60 4.72
CA GLN A 185 12.81 11.17 4.57
C GLN A 185 12.78 10.50 5.93
N PRO A 186 11.97 9.44 6.07
CA PRO A 186 11.88 8.74 7.36
C PRO A 186 12.97 7.69 7.52
N SER A 187 13.37 7.43 8.77
CA SER A 187 14.38 6.42 9.03
C SER A 187 13.76 5.03 8.95
N VAL A 188 12.52 4.92 9.42
CA VAL A 188 11.82 3.63 9.37
C VAL A 188 10.41 3.78 8.80
N LEU A 189 9.79 2.64 8.53
CA LEU A 189 8.44 2.59 7.99
C LEU A 189 7.50 3.47 8.81
N GLN A 190 6.69 4.26 8.12
CA GLN A 190 5.73 5.15 8.78
C GLN A 190 4.30 4.60 8.68
N VAL A 191 3.48 4.93 9.67
CA VAL A 191 2.10 4.46 9.70
C VAL A 191 1.14 5.54 10.18
N VAL A 192 -0.05 5.59 9.60
CA VAL A 192 -1.06 6.55 10.02
C VAL A 192 -2.43 5.97 9.77
N ASN A 193 -3.32 6.17 10.73
CA ASN A 193 -4.70 5.69 10.62
C ASN A 193 -5.53 6.87 10.17
N LEU A 194 -6.35 6.65 9.12
CA LEU A 194 -7.18 7.70 8.55
C LEU A 194 -8.60 7.22 8.27
N PRO A 195 -9.59 8.10 8.49
CA PRO A 195 -10.99 7.75 8.27
C PRO A 195 -11.42 7.89 6.80
N ILE A 196 -12.24 6.96 6.34
CA ILE A 196 -12.77 6.98 4.98
C ILE A 196 -13.71 8.19 4.93
N VAL A 197 -13.70 8.92 3.82
CA VAL A 197 -14.53 10.11 3.69
C VAL A 197 -15.73 9.90 2.77
N GLU A 198 -16.86 10.54 3.10
CA GLU A 198 -18.07 10.44 2.29
C GLU A 198 -17.77 10.85 0.86
N ARG A 199 -18.37 10.13 -0.10
CA ARG A 199 -18.19 10.40 -1.52
C ARG A 199 -18.38 11.87 -1.92
N PRO A 200 -19.49 12.49 -1.50
CA PRO A 200 -19.72 13.90 -1.86
C PRO A 200 -18.58 14.82 -1.44
N VAL A 201 -18.05 14.62 -0.23
CA VAL A 201 -16.95 15.42 0.29
C VAL A 201 -15.69 15.20 -0.55
N CYS A 202 -15.39 13.95 -0.89
CA CYS A 202 -14.23 13.67 -1.72
C CYS A 202 -14.36 14.42 -3.04
N LYS A 203 -15.53 14.32 -3.66
CA LYS A 203 -15.81 14.97 -4.93
C LYS A 203 -15.64 16.49 -4.86
N ASP A 204 -16.23 17.09 -3.85
CA ASP A 204 -16.18 18.53 -3.66
C ASP A 204 -14.84 19.11 -3.23
N SER A 205 -13.87 18.25 -2.94
CA SER A 205 -12.57 18.73 -2.50
C SER A 205 -11.57 18.91 -3.65
N THR A 206 -11.96 18.50 -4.86
CA THR A 206 -11.06 18.57 -6.00
C THR A 206 -11.76 18.80 -7.33
N ARG A 207 -10.98 19.16 -8.34
CA ARG A 207 -11.51 19.38 -9.67
C ARG A 207 -11.34 18.11 -10.51
N ILE A 208 -10.55 17.16 -10.00
CA ILE A 208 -10.30 15.89 -10.69
C ILE A 208 -11.57 15.05 -10.64
N ARG A 209 -11.88 14.39 -11.76
CA ARG A 209 -13.07 13.53 -11.82
C ARG A 209 -12.84 12.26 -11.02
N ILE A 210 -13.72 12.02 -10.04
CA ILE A 210 -13.62 10.84 -9.20
C ILE A 210 -14.46 9.71 -9.78
N THR A 211 -13.97 8.47 -9.68
CA THR A 211 -14.70 7.34 -10.23
C THR A 211 -15.05 6.34 -9.14
N ASP A 212 -15.88 5.35 -9.47
CA ASP A 212 -16.26 4.33 -8.50
C ASP A 212 -15.10 3.40 -8.12
N ASN A 213 -13.99 3.49 -8.85
CA ASN A 213 -12.83 2.67 -8.55
C ASN A 213 -11.88 3.38 -7.59
N MET A 214 -12.37 4.45 -6.96
CA MET A 214 -11.57 5.22 -6.02
C MET A 214 -12.41 5.57 -4.80
N PHE A 215 -11.72 5.86 -3.71
CA PHE A 215 -12.34 6.31 -2.48
C PHE A 215 -11.29 7.21 -1.85
N CYS A 216 -11.69 8.16 -1.02
CA CYS A 216 -10.68 9.01 -0.41
C CYS A 216 -10.74 8.91 1.11
N ALA A 217 -9.64 9.26 1.76
CA ALA A 217 -9.57 9.20 3.21
C ALA A 217 -8.70 10.31 3.77
N GLY A 218 -8.95 10.64 5.03
CA GLY A 218 -8.21 11.70 5.69
C GLY A 218 -9.15 12.49 6.58
N TYR A 219 -8.59 13.26 7.49
CA TYR A 219 -9.38 14.08 8.41
C TYR A 219 -9.80 15.41 7.79
N LYS A 220 -10.95 15.90 8.22
CA LYS A 220 -11.49 17.18 7.77
C LYS A 220 -10.75 18.26 8.54
N PRO A 221 -10.77 19.51 8.03
CA PRO A 221 -10.08 20.60 8.72
C PRO A 221 -10.56 20.80 10.17
N ASP A 222 -11.87 20.68 10.39
CA ASP A 222 -12.41 20.86 11.73
C ASP A 222 -12.26 19.65 12.67
N GLU A 223 -11.67 18.57 12.18
CA GLU A 223 -11.47 17.39 13.01
C GLU A 223 -10.18 17.44 13.83
N GLY A 224 -9.31 18.40 13.51
CA GLY A 224 -8.07 18.55 14.26
C GLY A 224 -6.91 17.65 13.90
N LYS A 225 -7.15 16.34 13.89
CA LYS A 225 -6.11 15.37 13.57
C LYS A 225 -5.65 15.50 12.12
N ARG A 226 -4.44 15.04 11.84
CA ARG A 226 -3.90 15.14 10.49
C ARG A 226 -3.35 13.80 10.03
N GLY A 227 -2.75 13.81 8.84
CA GLY A 227 -2.18 12.59 8.28
C GLY A 227 -2.56 12.40 6.83
N ASP A 228 -1.63 11.87 6.06
CA ASP A 228 -1.85 11.63 4.64
C ASP A 228 -0.65 10.88 4.09
N ALA A 229 -0.81 10.32 2.91
CA ALA A 229 0.26 9.63 2.22
C ALA A 229 0.93 10.76 1.46
N CYS A 230 2.10 10.48 0.89
CA CYS A 230 2.83 11.50 0.15
C CYS A 230 3.71 10.84 -0.89
N GLU A 231 4.53 11.62 -1.60
CA GLU A 231 5.41 11.07 -2.62
C GLU A 231 6.22 9.90 -2.06
N GLY A 232 6.25 8.79 -2.78
CA GLY A 232 6.98 7.62 -2.31
C GLY A 232 6.10 6.55 -1.66
N ASP A 233 4.91 6.95 -1.21
CA ASP A 233 3.96 6.04 -0.58
C ASP A 233 3.06 5.32 -1.58
N SER A 234 3.00 5.86 -2.79
CA SER A 234 2.21 5.30 -3.87
C SER A 234 2.38 3.79 -3.96
N GLY A 235 1.29 3.08 -4.22
CA GLY A 235 1.35 1.63 -4.34
C GLY A 235 1.24 0.87 -3.04
N GLY A 236 1.42 1.57 -1.92
CA GLY A 236 1.32 0.95 -0.62
C GLY A 236 -0.12 0.62 -0.28
N PRO A 237 -0.34 -0.17 0.76
CA PRO A 237 -1.69 -0.56 1.16
C PRO A 237 -2.43 0.33 2.15
N PHE A 238 -3.76 0.33 2.02
CA PHE A 238 -4.69 1.01 2.91
C PHE A 238 -5.39 -0.23 3.47
N VAL A 239 -5.10 -0.58 4.72
CA VAL A 239 -5.68 -1.79 5.29
C VAL A 239 -6.66 -1.54 6.43
N MET A 240 -7.54 -2.51 6.67
CA MET A 240 -8.51 -2.41 7.75
C MET A 240 -8.54 -3.77 8.44
N LYS A 241 -8.72 -3.77 9.75
CA LYS A 241 -8.78 -5.03 10.49
C LYS A 241 -10.24 -5.38 10.70
N SER A 242 -10.66 -6.48 10.10
CA SER A 242 -12.04 -6.90 10.22
C SER A 242 -12.39 -7.22 11.68
N PRO A 243 -13.48 -6.63 12.18
CA PRO A 243 -13.91 -6.87 13.55
C PRO A 243 -14.64 -8.23 13.66
N PHE A 244 -14.92 -8.83 12.51
CA PHE A 244 -15.62 -10.11 12.43
C PHE A 244 -14.70 -11.31 12.58
N ASN A 245 -13.61 -11.34 11.81
CA ASN A 245 -12.68 -12.47 11.88
C ASN A 245 -11.26 -12.06 12.31
N ASN A 246 -11.10 -10.81 12.71
CA ASN A 246 -9.83 -10.27 13.17
C ASN A 246 -8.64 -10.40 12.22
N ARG A 247 -8.92 -10.40 10.92
CA ARG A 247 -7.87 -10.48 9.90
C ARG A 247 -7.74 -9.13 9.21
N TRP A 248 -6.53 -8.80 8.78
CA TRP A 248 -6.31 -7.54 8.09
C TRP A 248 -6.61 -7.70 6.60
N TYR A 249 -7.37 -6.75 6.05
CA TYR A 249 -7.74 -6.74 4.64
C TYR A 249 -7.24 -5.49 3.94
N GLN A 250 -6.72 -5.65 2.72
CA GLN A 250 -6.26 -4.49 1.97
C GLN A 250 -7.44 -3.96 1.17
N MET A 251 -7.97 -2.83 1.60
CA MET A 251 -9.13 -2.23 0.95
C MET A 251 -8.74 -1.25 -0.14
N GLY A 252 -7.54 -0.67 -0.01
CA GLY A 252 -7.12 0.31 -1.00
C GLY A 252 -5.63 0.30 -1.29
N ILE A 253 -5.28 1.03 -2.36
CA ILE A 253 -3.89 1.18 -2.77
C ILE A 253 -3.64 2.67 -2.85
N VAL A 254 -2.58 3.15 -2.21
CA VAL A 254 -2.26 4.57 -2.24
C VAL A 254 -2.13 4.98 -3.71
N SER A 255 -3.00 5.88 -4.15
CA SER A 255 -2.98 6.29 -5.55
C SER A 255 -2.57 7.72 -5.86
N TRP A 256 -3.40 8.69 -5.48
CA TRP A 256 -3.09 10.08 -5.79
C TRP A 256 -3.60 11.14 -4.81
N GLY A 257 -3.07 12.34 -4.99
CA GLY A 257 -3.48 13.46 -4.16
C GLY A 257 -2.95 14.74 -4.73
N GLU A 258 -3.39 15.85 -4.17
CA GLU A 258 -2.94 17.17 -4.58
C GLU A 258 -2.26 17.69 -3.32
N GLY A 259 -0.92 17.67 -3.34
CA GLY A 259 -0.16 18.08 -2.18
C GLY A 259 -0.20 16.92 -1.20
N CYS A 260 0.30 17.14 0.00
CA CYS A 260 0.33 16.13 1.04
C CYS A 260 -0.18 16.77 2.33
N ASP A 261 -1.17 16.14 2.95
CA ASP A 261 -1.73 16.61 4.19
C ASP A 261 -2.17 18.09 4.15
N ARG A 262 -2.81 18.50 3.06
CA ARG A 262 -3.28 19.87 2.96
C ARG A 262 -4.68 19.97 3.54
N ASP A 263 -5.02 21.09 4.15
CA ASP A 263 -6.35 21.28 4.70
C ASP A 263 -7.37 21.27 3.58
N GLY A 264 -8.45 20.52 3.75
CA GLY A 264 -9.49 20.46 2.73
C GLY A 264 -9.24 19.49 1.59
N LYS A 265 -8.08 18.84 1.60
CA LYS A 265 -7.73 17.87 0.56
C LYS A 265 -7.71 16.49 1.21
N TYR A 266 -7.80 15.45 0.39
CA TYR A 266 -7.78 14.09 0.89
C TYR A 266 -7.00 13.20 -0.06
N GLY A 267 -6.38 12.17 0.50
CA GLY A 267 -5.64 11.23 -0.33
C GLY A 267 -6.66 10.31 -0.99
N PHE A 268 -6.36 9.88 -2.20
CA PHE A 268 -7.25 8.99 -2.94
C PHE A 268 -6.60 7.63 -3.11
N TYR A 269 -7.44 6.60 -2.97
CA TYR A 269 -7.00 5.23 -3.03
C TYR A 269 -7.74 4.40 -4.04
N THR A 270 -7.04 3.44 -4.62
CA THR A 270 -7.64 2.52 -5.58
C THR A 270 -8.53 1.58 -4.77
N HIS A 271 -9.78 1.44 -5.20
CA HIS A 271 -10.79 0.59 -4.54
C HIS A 271 -10.47 -0.85 -4.92
N VAL A 272 -9.73 -1.55 -4.06
CA VAL A 272 -9.32 -2.93 -4.34
C VAL A 272 -10.45 -3.91 -4.68
N PHE A 273 -11.50 -3.94 -3.88
CA PHE A 273 -12.58 -4.87 -4.18
C PHE A 273 -13.20 -4.68 -5.57
N ARG A 274 -13.39 -3.43 -5.97
CA ARG A 274 -13.97 -3.14 -7.28
C ARG A 274 -13.17 -3.75 -8.42
N LEU A 275 -11.86 -3.91 -8.22
CA LEU A 275 -11.00 -4.46 -9.26
C LEU A 275 -10.57 -5.90 -8.95
N LYS A 276 -11.19 -6.54 -7.98
CA LYS A 276 -10.81 -7.91 -7.63
C LYS A 276 -11.02 -8.88 -8.79
N LYS A 277 -12.06 -8.65 -9.60
CA LYS A 277 -12.33 -9.50 -10.75
C LYS A 277 -11.05 -9.65 -11.58
N TRP A 278 -10.47 -8.50 -11.91
CA TRP A 278 -9.24 -8.47 -12.70
C TRP A 278 -8.09 -9.19 -11.99
N ILE A 279 -7.92 -8.91 -10.70
CA ILE A 279 -6.88 -9.53 -9.90
C ILE A 279 -6.95 -11.06 -9.98
N GLN A 280 -8.15 -11.60 -9.76
CA GLN A 280 -8.37 -13.04 -9.79
C GLN A 280 -8.13 -13.63 -11.19
N LYS A 281 -8.56 -12.90 -12.21
CA LYS A 281 -8.38 -13.34 -13.59
C LYS A 281 -6.90 -13.52 -13.89
N VAL A 282 -6.11 -12.52 -13.50
CA VAL A 282 -4.67 -12.56 -13.73
C VAL A 282 -3.98 -13.70 -12.99
N ILE A 283 -4.29 -13.85 -11.71
CA ILE A 283 -3.67 -14.89 -10.91
C ILE A 283 -3.93 -16.32 -11.37
N ASP A 284 -5.20 -16.71 -11.57
CA ASP A 284 -5.43 -18.08 -12.01
C ASP A 284 -5.00 -18.35 -13.44
N GLN A 285 -5.02 -17.33 -14.30
CA GLN A 285 -4.58 -17.52 -15.68
C GLN A 285 -3.07 -17.70 -15.77
N PHE A 286 -2.32 -16.89 -15.04
CA PHE A 286 -0.87 -16.97 -15.07
C PHE A 286 -0.25 -17.66 -13.86
N GLY A 287 -0.89 -18.73 -13.39
CA GLY A 287 -0.37 -19.47 -12.26
C GLY A 287 -0.60 -18.77 -10.92
N ASP B 1 21.06 7.75 -0.31
CA ASP B 1 21.71 7.21 0.91
C ASP B 1 21.29 5.78 1.23
N PHE B 2 21.12 4.96 0.20
CA PHE B 2 20.72 3.58 0.38
C PHE B 2 21.92 2.65 0.53
N GLU B 3 21.91 1.85 1.60
CA GLU B 3 23.00 0.91 1.84
C GLU B 3 23.05 -0.06 0.68
N GLU B 4 24.24 -0.42 0.25
CA GLU B 4 24.43 -1.34 -0.86
C GLU B 4 23.87 -2.72 -0.52
N ILE B 5 23.13 -3.30 -1.45
CA ILE B 5 22.57 -4.62 -1.24
C ILE B 5 23.51 -5.64 -1.89
N PRO B 6 23.56 -6.86 -1.34
CA PRO B 6 24.44 -7.91 -1.89
C PRO B 6 24.28 -8.10 -3.39
N GLU B 7 25.39 -8.42 -4.05
CA GLU B 7 25.43 -8.61 -5.50
C GLU B 7 24.52 -9.66 -6.10
N GLU B 8 24.22 -10.73 -5.37
CA GLU B 8 23.36 -11.79 -5.91
C GLU B 8 22.01 -11.29 -6.43
N TYS B 9 21.44 -10.29 -5.78
CA TYS B 9 20.15 -9.76 -6.19
CB TYS B 9 19.49 -9.03 -5.02
CG TYS B 9 19.38 -9.90 -3.80
CD1 TYS B 9 18.65 -11.08 -3.83
CD2 TYS B 9 20.03 -9.54 -2.63
CE1 TYS B 9 18.57 -11.89 -2.71
CE2 TYS B 9 19.95 -10.33 -1.51
CZ TYS B 9 19.22 -11.51 -1.54
OH TYS B 9 19.16 -12.22 -0.52
S TYS B 9 18.17 -11.91 0.50
O1 TYS B 9 16.88 -12.29 0.00
O2 TYS B 9 18.17 -10.52 0.83
O3 TYS B 9 18.49 -12.68 1.68
C TYS B 9 20.24 -8.82 -7.40
O TYS B 9 19.26 -8.66 -8.14
N LEU B 10 21.39 -8.20 -7.60
CA LEU B 10 21.59 -7.28 -8.71
C LEU B 10 22.05 -7.95 -10.00
N ALA B 11 22.68 -9.12 -9.88
CA ALA B 11 23.18 -9.85 -11.05
C ALA B 11 22.04 -10.28 -11.97
C8 L86 C . -4.41 13.28 -10.05
C2 L86 C . -3.75 14.48 -10.57
C10 L86 C . -3.31 14.56 -11.96
C4 L86 C . -3.45 13.39 -12.82
C5 L86 C . -4.07 12.19 -12.28
C6 L86 C . -4.56 12.12 -10.91
C11 L86 C . -3.41 15.64 -9.66
C1 L86 C . -1.88 15.69 -9.39
N18 L86 C . -1.46 14.54 -8.53
C21 L86 C . -0.81 13.43 -9.12
C22 L86 C . -0.55 12.20 -8.36
N23 L86 C . 0.03 11.10 -8.99
C24 L86 C . 0.38 11.03 -10.39
C25 L86 C . 0.10 12.22 -11.10
N3 L86 C . -0.45 13.34 -10.49
O28 L86 C . -0.87 12.17 -7.16
CL2 L86 C . 1.17 9.73 -11.13
C33 L86 C . 0.34 9.92 -8.17
C34 L86 C . 1.12 10.33 -6.93
N37 L86 C . 0.81 9.62 -5.83
O38 L86 C . 1.99 11.21 -6.98
C39 L86 C . 1.40 9.99 -4.52
C40 L86 C . 0.38 10.51 -3.51
C43 L86 C . 0.48 11.85 -2.98
C44 L86 C . -0.47 12.34 -2.00
C45 L86 C . -1.51 11.45 -1.54
C15 L86 C . -0.68 9.61 -3.06
C9 L86 C . 1.60 12.79 -3.42
C50 L86 C . -1.62 10.10 -2.07
C3 L86 C . 1.23 13.43 -4.77
C7 L86 C . -1.48 16.96 -8.63
N2 L86 C . -0.02 17.22 -8.57
N5 L86 C . 2.35 14.28 -5.22
C12 L86 C . 2.25 14.72 -6.64
C13 L86 C . 1.14 15.76 -6.85
C14 L86 C . 1.09 16.25 -8.32
#